data_2ZFX
#
_entry.id   2ZFX
#
_cell.length_a   44.188
_cell.length_b   136.344
_cell.length_c   47.290
_cell.angle_alpha   90.00
_cell.angle_beta   90.00
_cell.angle_gamma   90.00
#
_symmetry.space_group_name_H-M   'P 21 21 2'
#
loop_
_entity.id
_entity.type
_entity.pdbx_description
1 polymer 'Vitamin D3 receptor'
2 polymer 'DRIP 205 NR2 box peptide'
3 non-polymer (2S)-3-{4-[1-ethyl-1-(4-{[(2R)-2-hydroxy-3,3-dimethylbutyl]oxy}-3-methylphenyl)propyl]-2-methylphenoxy}propane-1,2-diol
4 water water
#
loop_
_entity_poly.entity_id
_entity_poly.type
_entity_poly.pdbx_seq_one_letter_code
_entity_poly.pdbx_strand_id
1 'polypeptide(L)'
;GSHMLKDSLRPKLSEEQQHIIAILLDAHHKTYDPTYADFRDFRPPVRMDGSTGSVTLDLSPLSMLPHLADLVSYSIQKVI
GFAKMIPGFRDLTSDDQIVLLKSSAIEVIMLRSNQSFTMDDMSWDCGSQDYKYDVTDVSKAGHTLELIEPLIKFQVGLKK
LNLHEEEHVLLMAICIVSPDRPGVQDAKLVEAIQDRLSNTLQTYIRCRHPPPGSHQLYAKMIQKLADLRSLNEEHSKQYR
SLSFQPENSMKLTPLVLEVFGNEIS
;
A
2 'polypeptide(L)' KNHPMLMNLLKDN C
#
loop_
_chem_comp.id
_chem_comp.type
_chem_comp.name
_chem_comp.formula
YR3 non-polymer (2S)-3-{4-[1-ethyl-1-(4-{[(2R)-2-hydroxy-3,3-dimethylbutyl]oxy}-3-methylphenyl)propyl]-2-methylphenoxy}propane-1,2-diol 'C28 H42 O5'
#
# COMPACT_ATOMS: atom_id res chain seq x y z
N LYS A 12 -17.40 -20.64 13.80
CA LYS A 12 -17.70 -19.67 12.71
C LYS A 12 -16.56 -18.59 12.59
N LEU A 13 -16.79 -17.51 11.85
CA LEU A 13 -16.13 -16.24 12.20
C LEU A 13 -16.63 -15.87 13.61
N SER A 14 -15.73 -15.83 14.59
CA SER A 14 -16.10 -15.46 15.94
C SER A 14 -16.65 -14.02 15.99
N GLU A 15 -17.20 -13.62 17.13
CA GLU A 15 -17.65 -12.26 17.24
C GLU A 15 -16.43 -11.34 17.14
N GLU A 16 -15.35 -11.72 17.82
CA GLU A 16 -14.14 -10.91 17.72
C GLU A 16 -13.64 -10.77 16.29
N GLN A 17 -13.63 -11.86 15.52
CA GLN A 17 -13.23 -11.80 14.09
C GLN A 17 -14.15 -10.96 13.26
N GLN A 18 -15.46 -11.06 13.45
CA GLN A 18 -16.38 -10.22 12.72
C GLN A 18 -16.13 -8.74 13.11
N HIS A 19 -15.79 -8.49 14.38
CA HIS A 19 -15.49 -7.11 14.83
C HIS A 19 -14.23 -6.55 14.17
N ILE A 20 -13.19 -7.39 14.07
CA ILE A 20 -11.95 -6.99 13.36
C ILE A 20 -12.28 -6.55 11.91
N ILE A 21 -13.10 -7.34 11.22
CA ILE A 21 -13.43 -7.08 9.82
C ILE A 21 -14.21 -5.76 9.68
N ALA A 22 -15.21 -5.56 10.54
CA ALA A 22 -16.02 -4.33 10.55
C ALA A 22 -15.15 -3.09 10.81
N ILE A 23 -14.20 -3.21 11.72
CA ILE A 23 -13.29 -2.09 12.03
C ILE A 23 -12.42 -1.77 10.79
N LEU A 24 -11.84 -2.83 10.19
CA LEU A 24 -10.98 -2.69 9.01
C LEU A 24 -11.73 -2.12 7.81
N LEU A 25 -12.98 -2.57 7.61
CA LEU A 25 -13.78 -2.05 6.51
C LEU A 25 -14.07 -0.54 6.67
N ASP A 26 -14.49 -0.15 7.88
CA ASP A 26 -14.76 1.24 8.22
C ASP A 26 -13.50 2.02 8.05
N ALA A 27 -12.36 1.50 8.53
CA ALA A 27 -11.08 2.24 8.38
C ALA A 27 -10.80 2.53 6.93
N HIS A 28 -11.05 1.54 6.07
CA HIS A 28 -10.75 1.68 4.65
C HIS A 28 -11.72 2.70 4.03
N HIS A 29 -12.99 2.58 4.38
CA HIS A 29 -13.99 3.52 3.87
C HIS A 29 -13.66 4.94 4.27
N LYS A 30 -13.10 5.10 5.46
CA LYS A 30 -12.70 6.42 5.95
C LYS A 30 -11.40 7.01 5.33
N THR A 31 -10.60 6.15 4.73
CA THR A 31 -9.30 6.52 4.17
C THR A 31 -9.15 6.24 2.67
N TYR A 32 -10.25 5.86 2.00
CA TYR A 32 -10.21 5.59 0.56
C TYR A 32 -11.45 6.21 -0.09
N ASP A 33 -11.22 7.30 -0.82
CA ASP A 33 -12.27 8.08 -1.47
C ASP A 33 -12.35 7.59 -2.92
N PRO A 34 -13.37 6.76 -3.25
CA PRO A 34 -13.47 6.19 -4.59
C PRO A 34 -13.98 7.18 -5.66
N THR A 35 -14.09 8.45 -5.27
CA THR A 35 -14.40 9.53 -6.20
C THR A 35 -13.13 10.29 -6.58
N TYR A 36 -12.06 10.08 -5.82
CA TYR A 36 -10.74 10.69 -6.13
C TYR A 36 -10.80 12.22 -6.16
N ALA A 37 -11.65 12.78 -5.28
CA ALA A 37 -11.94 14.22 -5.27
C ALA A 37 -10.71 15.07 -5.04
N ASP A 38 -9.86 14.62 -4.13
CA ASP A 38 -8.71 15.41 -3.68
C ASP A 38 -7.61 15.62 -4.74
N PHE A 39 -7.70 14.90 -5.84
CA PHE A 39 -6.61 14.83 -6.82
C PHE A 39 -6.41 16.15 -7.56
N ARG A 40 -7.50 16.91 -7.69
CA ARG A 40 -7.46 18.26 -8.25
C ARG A 40 -6.42 19.16 -7.53
N ASP A 41 -6.19 18.90 -6.23
CA ASP A 41 -5.24 19.68 -5.47
C ASP A 41 -3.76 19.27 -5.65
N PHE A 42 -3.52 18.11 -6.26
CA PHE A 42 -2.13 17.67 -6.57
C PHE A 42 -1.53 18.58 -7.68
N ARG A 43 -0.22 18.77 -7.67
CA ARG A 43 0.44 19.35 -8.85
C ARG A 43 -0.02 18.58 -10.09
N PRO A 44 -0.18 19.28 -11.22
CA PRO A 44 -0.77 18.66 -12.40
C PRO A 44 0.07 17.59 -13.06
N PRO A 45 -0.60 16.60 -13.66
CA PRO A 45 0.09 15.63 -14.50
C PRO A 45 0.66 16.39 -15.69
N VAL A 46 1.90 16.09 -16.06
CA VAL A 46 2.50 16.67 -17.25
C VAL A 46 3.05 15.51 -18.05
N ARG A 47 2.51 15.29 -19.24
CA ARG A 47 2.90 14.13 -20.05
C ARG A 47 3.64 14.40 -21.37
N MET A 48 3.58 15.65 -21.83
CA MET A 48 4.00 15.99 -23.22
C MET A 48 5.10 15.13 -23.84
N SER A 60 13.64 11.30 -18.58
CA SER A 60 13.33 12.54 -19.31
C SER A 60 13.81 13.75 -18.51
N PRO A 61 12.96 14.80 -18.40
CA PRO A 61 13.06 15.77 -17.31
C PRO A 61 12.43 15.22 -16.02
N LEU A 62 11.55 14.19 -16.20
CA LEU A 62 10.69 13.50 -15.20
C LEU A 62 9.36 14.26 -14.92
N SER A 63 8.57 14.40 -15.98
CA SER A 63 7.44 15.34 -16.02
C SER A 63 6.26 14.92 -15.15
N MET A 64 6.15 13.62 -14.89
CA MET A 64 5.11 13.15 -13.97
C MET A 64 5.54 13.13 -12.52
N LEU A 65 6.77 13.55 -12.25
CA LEU A 65 7.32 13.36 -10.89
C LEU A 65 6.57 14.21 -9.83
N PRO A 66 6.31 15.50 -10.13
CA PRO A 66 5.50 16.32 -9.19
C PRO A 66 4.11 15.76 -8.90
N HIS A 67 3.36 15.43 -9.95
CA HIS A 67 2.04 14.82 -9.75
C HIS A 67 2.06 13.48 -8.99
N LEU A 68 2.93 12.54 -9.39
CA LEU A 68 3.01 11.27 -8.68
C LEU A 68 3.59 11.36 -7.26
N ALA A 69 4.54 12.28 -7.02
CA ALA A 69 4.93 12.61 -5.64
C ALA A 69 3.74 13.04 -4.76
N ASP A 70 2.85 13.90 -5.27
CA ASP A 70 1.68 14.35 -4.49
C ASP A 70 0.69 13.21 -4.31
N LEU A 71 0.53 12.41 -5.35
CA LEU A 71 -0.33 11.22 -5.27
C LEU A 71 0.14 10.29 -4.15
N VAL A 72 1.42 9.95 -4.18
CA VAL A 72 2.02 9.06 -3.18
C VAL A 72 1.95 9.68 -1.77
N SER A 73 2.21 10.99 -1.69
CA SER A 73 2.23 11.67 -0.38
C SER A 73 0.85 11.58 0.23
N TYR A 74 -0.16 11.86 -0.59
CA TYR A 74 -1.57 11.71 -0.17
C TYR A 74 -1.83 10.24 0.27
N SER A 75 -1.38 9.28 -0.54
CA SER A 75 -1.60 7.86 -0.22
C SER A 75 -0.94 7.48 1.09
N ILE A 76 0.24 8.02 1.41
CA ILE A 76 0.91 7.73 2.70
C ILE A 76 0.06 8.19 3.91
N GLN A 77 -0.52 9.40 3.81
CA GLN A 77 -1.42 9.93 4.82
C GLN A 77 -2.60 8.99 5.03
N LYS A 78 -3.15 8.44 3.94
CA LYS A 78 -4.27 7.46 4.09
C LYS A 78 -3.82 6.12 4.66
N VAL A 79 -2.65 5.63 4.26
CA VAL A 79 -2.07 4.39 4.86
C VAL A 79 -1.90 4.54 6.40
N ILE A 80 -1.34 5.66 6.83
CA ILE A 80 -1.21 5.96 8.28
C ILE A 80 -2.57 5.95 8.97
N GLY A 81 -3.56 6.62 8.39
CA GLY A 81 -4.90 6.65 9.02
C GLY A 81 -5.51 5.25 9.08
N PHE A 82 -5.34 4.44 8.01
CA PHE A 82 -5.75 3.05 8.04
C PHE A 82 -5.07 2.21 9.11
N ALA A 83 -3.74 2.29 9.17
CA ALA A 83 -2.94 1.53 10.13
C ALA A 83 -3.31 1.80 11.58
N LYS A 84 -3.58 3.07 11.87
CA LYS A 84 -4.01 3.48 13.21
C LYS A 84 -5.18 2.69 13.78
N MET A 85 -6.07 2.24 12.89
CA MET A 85 -7.27 1.50 13.23
C MET A 85 -7.15 -0.01 13.19
N ILE A 86 -6.02 -0.55 12.70
CA ILE A 86 -5.81 -1.99 12.81
C ILE A 86 -5.83 -2.43 14.31
N PRO A 87 -6.75 -3.35 14.69
CA PRO A 87 -6.79 -3.81 16.07
C PRO A 87 -5.41 -4.28 16.53
N GLY A 88 -4.93 -3.67 17.60
CA GLY A 88 -3.63 -4.00 18.15
C GLY A 88 -2.52 -3.05 17.81
N PHE A 89 -2.63 -2.36 16.67
CA PHE A 89 -1.55 -1.52 16.18
C PHE A 89 -1.19 -0.42 17.17
N ARG A 90 -2.23 0.18 17.77
CA ARG A 90 -2.13 1.19 18.84
C ARG A 90 -1.36 0.71 20.10
N ASP A 91 -1.33 -0.59 20.34
CA ASP A 91 -0.64 -1.15 21.50
C ASP A 91 0.86 -1.38 21.30
N LEU A 92 1.33 -1.26 20.06
CA LEU A 92 2.77 -1.32 19.79
C LEU A 92 3.45 -0.03 20.22
N THR A 93 4.75 -0.06 20.45
CA THR A 93 5.47 1.18 20.79
C THR A 93 5.48 2.08 19.57
N SER A 94 5.63 3.37 19.82
CA SER A 94 5.82 4.37 18.74
C SER A 94 6.91 3.91 17.75
N ASP A 95 8.07 3.52 18.29
CA ASP A 95 9.16 3.08 17.48
C ASP A 95 8.73 1.96 16.53
N ASP A 96 8.05 0.94 17.06
CA ASP A 96 7.62 -0.21 16.22
C ASP A 96 6.57 0.23 15.18
N GLN A 97 5.67 1.12 15.59
CA GLN A 97 4.67 1.69 14.66
C GLN A 97 5.31 2.40 13.47
N ILE A 98 6.35 3.19 13.74
CA ILE A 98 7.10 3.91 12.71
C ILE A 98 7.83 2.95 11.79
N VAL A 99 8.52 1.97 12.38
CA VAL A 99 9.21 0.94 11.59
C VAL A 99 8.25 0.26 10.63
N LEU A 100 7.11 -0.18 11.16
CA LEU A 100 6.15 -0.93 10.34
C LEU A 100 5.60 -0.05 9.21
N LEU A 101 5.29 1.21 9.51
CA LEU A 101 4.70 2.11 8.48
C LEU A 101 5.70 2.47 7.41
N LYS A 102 6.94 2.81 7.79
CA LYS A 102 8.00 3.17 6.83
C LYS A 102 8.37 2.04 5.88
N SER A 103 8.47 0.81 6.42
CA SER A 103 8.82 -0.35 5.60
C SER A 103 7.66 -0.82 4.72
N SER A 104 6.41 -0.65 5.15
CA SER A 104 5.26 -1.16 4.40
C SER A 104 4.61 -0.13 3.53
N ALA A 105 4.91 1.16 3.70
CA ALA A 105 4.05 2.22 3.04
C ALA A 105 3.95 1.98 1.53
N ILE A 106 5.08 1.80 0.87
CA ILE A 106 5.02 1.58 -0.59
C ILE A 106 4.21 0.32 -0.94
N GLU A 107 4.36 -0.76 -0.17
CA GLU A 107 3.57 -2.00 -0.43
C GLU A 107 2.05 -1.81 -0.29
N VAL A 108 1.64 -1.14 0.77
CA VAL A 108 0.21 -0.86 0.98
C VAL A 108 -0.36 0.07 -0.10
N ILE A 109 0.46 1.01 -0.55
CA ILE A 109 0.05 1.89 -1.65
C ILE A 109 -0.14 1.06 -2.92
N MET A 110 0.78 0.13 -3.18
CA MET A 110 0.59 -0.80 -4.32
C MET A 110 -0.67 -1.64 -4.18
N LEU A 111 -0.92 -2.18 -2.97
CA LEU A 111 -2.19 -2.86 -2.69
C LEU A 111 -3.41 -2.00 -2.91
N ARG A 112 -3.43 -0.83 -2.28
CA ARG A 112 -4.61 0.00 -2.31
C ARG A 112 -4.92 0.54 -3.71
N SER A 113 -3.89 0.66 -4.54
CA SER A 113 -4.01 1.09 -5.95
C SER A 113 -4.75 0.05 -6.78
N ASN A 114 -4.77 -1.20 -6.31
CA ASN A 114 -5.42 -2.26 -7.09
C ASN A 114 -6.88 -1.94 -7.31
N GLN A 115 -7.46 -1.20 -6.37
CA GLN A 115 -8.88 -0.89 -6.44
C GLN A 115 -9.26 -0.01 -7.63
N SER A 116 -8.33 0.83 -8.11
CA SER A 116 -8.53 1.61 -9.34
C SER A 116 -7.96 0.96 -10.60
N PHE A 117 -7.21 -0.12 -10.41
CA PHE A 117 -6.54 -0.82 -11.51
C PHE A 117 -7.56 -1.52 -12.42
N THR A 118 -7.38 -1.37 -13.71
CA THR A 118 -8.25 -1.96 -14.73
C THR A 118 -7.43 -2.96 -15.56
N MET A 119 -7.85 -4.22 -15.49
CA MET A 119 -7.07 -5.34 -16.07
C MET A 119 -6.81 -5.25 -17.56
N ASP A 120 -7.81 -4.73 -18.29
CA ASP A 120 -7.82 -4.65 -19.76
C ASP A 120 -6.63 -3.86 -20.33
N ASP A 121 -6.49 -2.61 -19.91
CA ASP A 121 -5.45 -1.75 -20.48
C ASP A 121 -4.30 -1.45 -19.52
N MET A 122 -4.24 -2.22 -18.43
CA MET A 122 -3.12 -2.12 -17.50
C MET A 122 -2.93 -0.72 -16.98
N SER A 123 -4.01 -0.10 -16.52
CA SER A 123 -3.92 1.26 -16.06
C SER A 123 -4.72 1.44 -14.78
N TRP A 124 -4.40 2.52 -14.08
CA TRP A 124 -5.09 2.91 -12.87
C TRP A 124 -6.05 4.04 -13.23
N ASP A 125 -7.35 3.73 -13.22
CA ASP A 125 -8.40 4.74 -13.49
C ASP A 125 -8.97 5.44 -12.24
N CYS A 126 -8.51 6.67 -12.01
CA CYS A 126 -8.90 7.47 -10.85
C CYS A 126 -9.90 8.58 -11.22
N GLY A 127 -10.80 8.24 -12.13
CA GLY A 127 -12.08 8.93 -12.27
C GLY A 127 -12.09 10.06 -13.27
N SER A 128 -10.95 10.25 -13.91
CA SER A 128 -10.72 11.38 -14.78
C SER A 128 -9.72 10.97 -15.86
N GLN A 129 -9.92 11.50 -17.06
CA GLN A 129 -9.07 11.22 -18.22
C GLN A 129 -7.61 11.63 -17.93
N ASP A 130 -7.43 12.63 -17.09
CA ASP A 130 -6.14 13.17 -16.72
C ASP A 130 -5.47 12.26 -15.67
N TYR A 131 -6.31 11.57 -14.90
CA TYR A 131 -5.89 10.76 -13.76
C TYR A 131 -6.12 9.28 -14.08
N LYS A 132 -5.90 8.92 -15.34
CA LYS A 132 -5.87 7.55 -15.72
C LYS A 132 -4.38 7.35 -15.92
N TYR A 133 -3.75 6.53 -15.08
CA TYR A 133 -2.30 6.41 -15.09
C TYR A 133 -1.87 5.12 -15.76
N ASP A 134 -0.84 5.22 -16.57
CA ASP A 134 -0.31 4.08 -17.31
C ASP A 134 1.16 3.86 -17.04
N VAL A 135 1.74 2.89 -17.73
CA VAL A 135 3.15 2.54 -17.58
C VAL A 135 4.06 3.70 -17.96
N THR A 136 3.70 4.48 -18.99
N THR A 136 3.67 4.47 -18.98
CA THR A 136 4.56 5.61 -19.37
CA THR A 136 4.47 5.60 -19.43
C THR A 136 4.57 6.67 -18.28
C THR A 136 4.53 6.66 -18.33
N ASP A 137 3.39 6.94 -17.69
CA ASP A 137 3.30 7.88 -16.54
C ASP A 137 4.31 7.53 -15.45
N VAL A 138 4.31 6.28 -14.99
CA VAL A 138 5.24 5.85 -13.95
C VAL A 138 6.69 6.04 -14.37
N SER A 139 7.01 5.79 -15.65
CA SER A 139 8.38 5.96 -16.12
C SER A 139 8.78 7.43 -16.12
N LYS A 140 7.78 8.28 -16.32
CA LYS A 140 7.99 9.74 -16.28
C LYS A 140 8.04 10.27 -14.82
N ALA A 141 8.01 9.37 -13.82
CA ALA A 141 8.42 9.76 -12.44
C ALA A 141 9.81 9.27 -12.15
N GLY A 142 10.43 8.67 -13.15
CA GLY A 142 11.83 8.26 -13.04
C GLY A 142 12.08 6.77 -12.92
N HIS A 143 11.02 5.98 -12.99
CA HIS A 143 11.18 4.54 -12.84
C HIS A 143 11.35 3.81 -14.16
N THR A 144 11.90 2.61 -14.09
CA THR A 144 12.16 1.82 -15.29
C THR A 144 11.28 0.57 -15.27
N LEU A 145 11.28 -0.13 -16.40
CA LEU A 145 10.44 -1.29 -16.56
C LEU A 145 10.87 -2.39 -15.60
N GLU A 146 12.13 -2.36 -15.15
CA GLU A 146 12.60 -3.31 -14.09
C GLU A 146 11.70 -3.28 -12.83
N LEU A 147 11.15 -2.12 -12.52
CA LEU A 147 10.05 -2.02 -11.51
C LEU A 147 8.64 -2.12 -12.13
N ILE A 148 8.43 -1.38 -13.22
CA ILE A 148 7.08 -1.14 -13.71
C ILE A 148 6.48 -2.44 -14.25
N GLU A 149 7.26 -3.24 -14.99
CA GLU A 149 6.69 -4.51 -15.52
C GLU A 149 6.27 -5.51 -14.42
N PRO A 150 7.18 -5.86 -13.48
CA PRO A 150 6.72 -6.63 -12.32
C PRO A 150 5.52 -6.02 -11.57
N LEU A 151 5.44 -4.69 -11.54
CA LEU A 151 4.33 -4.02 -10.84
C LEU A 151 3.00 -4.28 -11.52
N ILE A 152 3.00 -4.19 -12.83
CA ILE A 152 1.82 -4.49 -13.63
C ILE A 152 1.41 -5.92 -13.48
N LYS A 153 2.38 -6.83 -13.56
CA LYS A 153 2.12 -8.25 -13.36
C LYS A 153 1.52 -8.54 -11.99
N PHE A 154 2.03 -7.86 -10.96
CA PHE A 154 1.41 -7.90 -9.61
C PHE A 154 -0.04 -7.45 -9.59
N GLN A 155 -0.31 -6.28 -10.17
CA GLN A 155 -1.67 -5.75 -10.18
C GLN A 155 -2.64 -6.70 -10.89
N VAL A 156 -2.18 -7.23 -12.03
CA VAL A 156 -3.00 -8.17 -12.80
C VAL A 156 -3.30 -9.43 -11.99
N GLY A 157 -2.26 -10.05 -11.44
CA GLY A 157 -2.41 -11.26 -10.62
C GLY A 157 -3.30 -11.02 -9.42
N LEU A 158 -3.12 -9.86 -8.77
CA LEU A 158 -3.97 -9.50 -7.63
C LEU A 158 -5.46 -9.28 -8.00
N LYS A 159 -5.70 -8.54 -9.08
CA LYS A 159 -7.05 -8.36 -9.59
C LYS A 159 -7.75 -9.73 -9.88
N LYS A 160 -7.03 -10.65 -10.52
CA LYS A 160 -7.53 -12.02 -10.83
C LYS A 160 -7.83 -12.88 -9.59
N LEU A 161 -7.40 -12.46 -8.41
CA LEU A 161 -7.80 -13.17 -7.17
C LEU A 161 -9.28 -12.88 -6.85
N ASN A 162 -9.81 -11.81 -7.46
CA ASN A 162 -11.19 -11.37 -7.21
C ASN A 162 -11.53 -11.29 -5.71
N LEU A 163 -10.66 -10.64 -4.95
CA LEU A 163 -10.87 -10.47 -3.50
C LEU A 163 -12.19 -9.70 -3.18
N HIS A 164 -12.87 -10.15 -2.13
CA HIS A 164 -13.91 -9.34 -1.57
C HIS A 164 -13.25 -8.22 -0.81
N GLU A 165 -14.01 -7.16 -0.51
CA GLU A 165 -13.45 -6.05 0.25
C GLU A 165 -12.85 -6.49 1.58
N GLU A 166 -13.49 -7.43 2.26
CA GLU A 166 -12.95 -7.94 3.56
C GLU A 166 -11.54 -8.55 3.38
N GLU A 167 -11.35 -9.32 2.30
CA GLU A 167 -10.04 -9.95 2.09
C GLU A 167 -8.99 -8.88 1.74
N HIS A 168 -9.40 -7.89 0.96
CA HIS A 168 -8.53 -6.78 0.57
C HIS A 168 -8.00 -6.02 1.80
N VAL A 169 -8.88 -5.66 2.73
CA VAL A 169 -8.48 -4.82 3.86
C VAL A 169 -7.70 -5.66 4.89
N LEU A 170 -8.07 -6.92 5.02
CA LEU A 170 -7.27 -7.86 5.83
C LEU A 170 -5.86 -8.02 5.26
N LEU A 171 -5.72 -8.17 3.95
CA LEU A 171 -4.40 -8.25 3.30
C LEU A 171 -3.51 -7.02 3.55
N MET A 172 -4.07 -5.81 3.36
CA MET A 172 -3.34 -4.59 3.72
C MET A 172 -2.92 -4.57 5.17
N ALA A 173 -3.83 -4.96 6.09
CA ALA A 173 -3.51 -4.95 7.54
C ALA A 173 -2.39 -5.97 7.86
N ILE A 174 -2.45 -7.13 7.23
CA ILE A 174 -1.41 -8.15 7.42
C ILE A 174 -0.04 -7.69 6.93
N CYS A 175 -0.07 -7.06 5.75
CA CYS A 175 1.10 -6.45 5.14
C CYS A 175 1.76 -5.46 6.13
N ILE A 176 0.96 -4.56 6.71
CA ILE A 176 1.48 -3.56 7.70
C ILE A 176 2.10 -4.22 8.96
N VAL A 177 1.35 -5.11 9.60
CA VAL A 177 1.77 -5.76 10.85
C VAL A 177 2.65 -7.02 10.58
N SER A 178 3.83 -6.81 10.02
CA SER A 178 4.76 -7.91 9.66
C SER A 178 5.93 -7.89 10.65
N PRO A 179 6.13 -8.99 11.42
CA PRO A 179 7.17 -9.00 12.44
C PRO A 179 8.61 -9.07 11.86
N ASP A 180 8.76 -9.47 10.60
CA ASP A 180 10.09 -9.60 9.96
C ASP A 180 10.71 -8.30 9.39
N ARG A 181 10.00 -7.19 9.53
CA ARG A 181 10.50 -5.93 8.99
C ARG A 181 11.75 -5.55 9.71
N PRO A 182 12.75 -5.03 8.98
CA PRO A 182 13.99 -4.46 9.58
C PRO A 182 13.71 -3.50 10.74
N GLY A 183 14.32 -3.78 11.88
CA GLY A 183 14.27 -2.87 13.01
C GLY A 183 13.11 -3.02 13.98
N VAL A 184 12.23 -3.98 13.75
CA VAL A 184 11.15 -4.20 14.72
C VAL A 184 11.76 -4.67 16.08
N GLN A 185 11.29 -4.08 17.18
CA GLN A 185 11.77 -4.42 18.52
C GLN A 185 10.90 -5.54 19.09
N ASP A 186 9.60 -5.31 19.27
CA ASP A 186 8.71 -6.37 19.81
C ASP A 186 8.13 -7.27 18.73
N ALA A 187 8.97 -8.13 18.17
CA ALA A 187 8.56 -8.94 17.05
C ALA A 187 7.55 -9.97 17.52
N LYS A 188 7.65 -10.43 18.76
CA LYS A 188 6.61 -11.30 19.32
C LYS A 188 5.21 -10.70 19.32
N LEU A 189 5.05 -9.48 19.78
CA LEU A 189 3.74 -8.85 19.82
C LEU A 189 3.24 -8.59 18.38
N VAL A 190 4.10 -8.08 17.50
CA VAL A 190 3.73 -7.89 16.08
C VAL A 190 3.23 -9.22 15.46
N GLU A 191 3.98 -10.29 15.66
CA GLU A 191 3.56 -11.62 15.11
C GLU A 191 2.20 -12.03 15.68
N ALA A 192 1.97 -11.80 16.97
CA ALA A 192 0.70 -12.18 17.62
C ALA A 192 -0.44 -11.40 16.99
N ILE A 193 -0.23 -10.11 16.79
CA ILE A 193 -1.27 -9.30 16.10
C ILE A 193 -1.45 -9.79 14.66
N GLN A 194 -0.35 -10.01 13.93
CA GLN A 194 -0.48 -10.53 12.56
C GLN A 194 -1.25 -11.86 12.46
N ASP A 195 -0.92 -12.79 13.36
CA ASP A 195 -1.55 -14.12 13.30
C ASP A 195 -3.05 -14.06 13.59
N ARG A 196 -3.45 -13.14 14.49
CA ARG A 196 -4.87 -12.88 14.73
C ARG A 196 -5.60 -12.45 13.44
N LEU A 197 -4.96 -11.58 12.68
CA LEU A 197 -5.51 -11.07 11.42
C LEU A 197 -5.48 -12.16 10.36
N SER A 198 -4.38 -12.92 10.27
CA SER A 198 -4.28 -14.06 9.32
C SER A 198 -5.32 -15.14 9.57
N ASN A 199 -5.54 -15.44 10.85
CA ASN A 199 -6.59 -16.39 11.23
C ASN A 199 -7.98 -15.87 10.89
N THR A 200 -8.19 -14.57 11.06
CA THR A 200 -9.48 -13.94 10.60
C THR A 200 -9.64 -14.15 9.11
N LEU A 201 -8.57 -13.89 8.36
CA LEU A 201 -8.63 -14.03 6.92
C LEU A 201 -8.91 -15.45 6.50
N GLN A 202 -8.14 -16.40 7.05
CA GLN A 202 -8.33 -17.79 6.65
C GLN A 202 -9.77 -18.26 6.93
N THR A 203 -10.32 -17.89 8.06
CA THR A 203 -11.72 -18.20 8.44
C THR A 203 -12.73 -17.54 7.49
N TYR A 204 -12.48 -16.28 7.11
CA TYR A 204 -13.33 -15.61 6.15
C TYR A 204 -13.36 -16.37 4.82
N ILE A 205 -12.18 -16.74 4.35
CA ILE A 205 -12.09 -17.48 3.08
C ILE A 205 -12.86 -18.83 3.23
N ARG A 206 -12.60 -19.58 4.30
CA ARG A 206 -13.33 -20.88 4.56
C ARG A 206 -14.86 -20.72 4.61
N CYS A 207 -15.29 -19.65 5.25
CA CYS A 207 -16.71 -19.35 5.50
C CYS A 207 -17.45 -18.73 4.32
N ARG A 208 -16.77 -17.92 3.52
CA ARG A 208 -17.46 -17.05 2.58
C ARG A 208 -17.03 -17.14 1.15
N HIS A 209 -15.77 -17.48 0.89
CA HIS A 209 -15.25 -17.38 -0.47
C HIS A 209 -15.67 -18.66 -1.20
N PRO A 210 -16.40 -18.52 -2.33
CA PRO A 210 -16.79 -19.75 -3.04
C PRO A 210 -15.66 -20.37 -3.90
N PRO A 211 -15.69 -21.69 -4.08
CA PRO A 211 -14.91 -22.38 -5.11
C PRO A 211 -15.23 -21.87 -6.51
N PRO A 212 -14.27 -21.97 -7.44
CA PRO A 212 -12.92 -22.47 -7.30
C PRO A 212 -11.95 -21.38 -6.81
N GLY A 213 -12.36 -20.11 -6.94
CA GLY A 213 -11.62 -18.93 -6.48
C GLY A 213 -10.99 -19.06 -5.09
N SER A 214 -11.65 -19.83 -4.21
CA SER A 214 -11.17 -20.06 -2.84
C SER A 214 -10.02 -21.06 -2.72
N HIS A 215 -9.70 -21.79 -3.80
CA HIS A 215 -8.71 -22.87 -3.75
C HIS A 215 -7.31 -22.29 -3.65
N GLN A 216 -6.59 -22.66 -2.61
CA GLN A 216 -5.23 -22.12 -2.34
C GLN A 216 -5.19 -20.59 -2.29
N LEU A 217 -6.36 -19.98 -2.05
CA LEU A 217 -6.46 -18.53 -1.99
C LEU A 217 -5.59 -17.91 -0.92
N TYR A 218 -5.60 -18.44 0.31
CA TYR A 218 -4.75 -17.89 1.34
C TYR A 218 -3.29 -17.95 0.91
N ALA A 219 -2.86 -19.09 0.39
CA ALA A 219 -1.48 -19.25 -0.08
C ALA A 219 -1.17 -18.27 -1.22
N LYS A 220 -2.10 -18.05 -2.13
CA LYS A 220 -1.91 -17.06 -3.20
C LYS A 220 -1.75 -15.65 -2.60
N MET A 221 -2.48 -15.38 -1.53
CA MET A 221 -2.47 -14.05 -0.92
C MET A 221 -1.16 -13.85 -0.21
N ILE A 222 -0.67 -14.90 0.45
CA ILE A 222 0.62 -14.82 1.10
C ILE A 222 1.75 -14.61 0.09
N GLN A 223 1.68 -15.28 -1.07
CA GLN A 223 2.61 -15.08 -2.18
C GLN A 223 2.59 -13.64 -2.71
N LYS A 224 1.41 -13.02 -2.80
CA LYS A 224 1.37 -11.58 -3.12
C LYS A 224 2.12 -10.73 -2.12
N LEU A 225 2.09 -11.08 -0.84
CA LEU A 225 2.89 -10.33 0.14
C LEU A 225 4.40 -10.54 -0.11
N ALA A 226 4.79 -11.76 -0.45
CA ALA A 226 6.20 -12.01 -0.91
C ALA A 226 6.57 -11.21 -2.13
N ASP A 227 5.69 -11.18 -3.14
CA ASP A 227 5.96 -10.42 -4.33
C ASP A 227 6.12 -8.95 -3.97
N LEU A 228 5.35 -8.48 -3.00
CA LEU A 228 5.45 -7.07 -2.55
C LEU A 228 6.78 -6.69 -1.95
N ARG A 229 7.42 -7.61 -1.23
CA ARG A 229 8.79 -7.37 -0.73
C ARG A 229 9.76 -7.16 -1.86
N SER A 230 9.60 -7.94 -2.93
CA SER A 230 10.43 -7.78 -4.13
C SER A 230 10.24 -6.43 -4.78
N LEU A 231 8.99 -6.03 -4.96
CA LEU A 231 8.65 -4.72 -5.51
C LEU A 231 9.14 -3.59 -4.64
N ASN A 232 8.98 -3.73 -3.31
CA ASN A 232 9.51 -2.80 -2.31
C ASN A 232 11.02 -2.63 -2.50
N GLU A 233 11.76 -3.72 -2.58
CA GLU A 233 13.21 -3.63 -2.81
C GLU A 233 13.59 -2.90 -4.09
N GLU A 234 12.90 -3.19 -5.17
CA GLU A 234 13.19 -2.56 -6.44
C GLU A 234 12.78 -1.09 -6.44
N HIS A 235 11.60 -0.82 -5.89
CA HIS A 235 11.20 0.57 -5.71
C HIS A 235 12.22 1.40 -4.91
N SER A 236 12.69 0.84 -3.79
N SER A 236 12.66 0.86 -3.78
CA SER A 236 13.59 1.55 -2.86
CA SER A 236 13.57 1.55 -2.87
C SER A 236 14.94 1.86 -3.50
C SER A 236 14.87 1.90 -3.59
N LYS A 237 15.44 0.93 -4.30
CA LYS A 237 16.68 1.10 -5.07
C LYS A 237 16.54 2.26 -6.08
N GLN A 238 15.47 2.21 -6.87
CA GLN A 238 15.19 3.21 -7.88
C GLN A 238 14.93 4.56 -7.23
N TYR A 239 14.19 4.56 -6.13
CA TYR A 239 13.92 5.78 -5.37
C TYR A 239 15.18 6.44 -4.80
N ARG A 240 16.05 5.64 -4.20
CA ARG A 240 17.35 6.09 -3.67
C ARG A 240 18.18 6.76 -4.76
N SER A 241 18.13 6.21 -5.96
CA SER A 241 18.86 6.78 -7.04
C SER A 241 18.22 8.10 -7.53
N LEU A 242 16.92 8.08 -7.76
CA LEU A 242 16.32 9.28 -8.33
C LEU A 242 16.33 10.44 -7.35
N SER A 243 16.10 10.15 -6.08
CA SER A 243 16.03 11.19 -5.07
C SER A 243 17.40 11.77 -4.72
N PHE A 244 18.47 11.11 -5.15
CA PHE A 244 19.82 11.62 -4.92
C PHE A 244 20.13 12.84 -5.79
N GLN A 245 19.31 13.08 -6.83
CA GLN A 245 19.43 14.27 -7.67
C GLN A 245 18.61 15.42 -7.08
N PRO A 246 19.29 16.51 -6.68
CA PRO A 246 18.58 17.61 -6.02
C PRO A 246 17.40 18.18 -6.80
N GLU A 247 17.49 18.25 -8.13
CA GLU A 247 16.36 18.71 -8.94
C GLU A 247 15.13 17.78 -8.75
N ASN A 248 15.35 16.48 -8.52
CA ASN A 248 14.26 15.55 -8.25
C ASN A 248 13.78 15.69 -6.82
N SER A 249 14.73 15.66 -5.88
CA SER A 249 14.43 15.73 -4.46
C SER A 249 13.59 16.95 -4.14
N MET A 250 13.93 18.07 -4.79
CA MET A 250 13.19 19.33 -4.63
C MET A 250 11.72 19.23 -4.99
N LYS A 251 11.38 18.23 -5.81
CA LYS A 251 9.99 18.05 -6.29
C LYS A 251 9.20 17.13 -5.36
N LEU A 252 9.89 16.48 -4.40
CA LEU A 252 9.25 15.56 -3.47
C LEU A 252 8.71 16.30 -2.27
N THR A 253 7.68 15.73 -1.64
CA THR A 253 7.04 16.36 -0.48
C THR A 253 7.87 15.98 0.74
N PRO A 254 7.82 16.81 1.79
CA PRO A 254 8.52 16.45 3.03
C PRO A 254 8.10 15.06 3.57
N LEU A 255 6.81 14.73 3.47
CA LEU A 255 6.34 13.43 3.99
C LEU A 255 6.92 12.25 3.21
N VAL A 256 6.99 12.37 1.88
CA VAL A 256 7.63 11.33 1.04
C VAL A 256 9.10 11.20 1.39
N LEU A 257 9.75 12.34 1.55
CA LEU A 257 11.16 12.31 1.91
C LEU A 257 11.43 11.65 3.27
N GLU A 258 10.53 11.83 4.22
CA GLU A 258 10.68 11.25 5.55
C GLU A 258 10.42 9.74 5.53
N VAL A 259 9.32 9.36 4.90
CA VAL A 259 8.81 7.98 4.97
C VAL A 259 9.63 7.06 4.05
N PHE A 260 10.01 7.53 2.87
CA PHE A 260 10.84 6.71 1.97
C PHE A 260 12.33 6.87 2.25
N GLY A 261 12.68 7.76 3.16
CA GLY A 261 14.09 8.07 3.35
C GLY A 261 14.78 7.81 4.65
N ASN A 262 14.22 8.40 5.71
CA ASN A 262 14.99 8.99 6.81
C ASN A 262 15.92 8.08 7.65
N GLU A 263 16.64 8.68 8.59
CA GLU A 263 17.58 7.97 9.46
C GLU A 263 17.25 8.13 10.94
N PRO B 4 9.81 13.95 13.82
CA PRO B 4 9.21 14.20 12.51
C PRO B 4 7.72 13.82 12.37
N MET B 5 7.19 13.91 11.15
CA MET B 5 5.73 13.89 10.89
C MET B 5 5.01 12.58 11.22
N LEU B 6 5.62 11.47 10.84
CA LEU B 6 5.11 10.15 11.20
C LEU B 6 4.98 9.97 12.71
N MET B 7 6.09 10.22 13.42
CA MET B 7 6.11 10.11 14.86
C MET B 7 5.06 11.01 15.50
N ASN B 8 4.92 12.23 14.96
CA ASN B 8 3.96 13.18 15.55
C ASN B 8 2.49 12.78 15.30
N LEU B 9 2.20 12.23 14.12
CA LEU B 9 0.87 11.68 13.81
C LEU B 9 0.52 10.46 14.69
N LEU B 10 1.52 9.68 15.04
CA LEU B 10 1.28 8.44 15.81
C LEU B 10 1.23 8.68 17.30
N LYS B 11 1.83 9.80 17.75
CA LYS B 11 1.89 10.14 19.16
C LYS B 11 0.53 9.93 19.80
N ASP B 12 0.55 9.08 20.84
CA ASP B 12 -0.51 8.79 21.84
C ASP B 12 -0.53 7.34 22.24
C1 YR3 C . -0.83 5.55 -5.61
C1 YR3 C . -1.02 5.19 -5.88
C2 YR3 C . -2.15 5.59 -6.09
C2 YR3 C . -2.31 5.30 -6.39
C3 YR3 C . -2.44 5.07 -7.47
C3 YR3 C . -2.58 4.89 -7.80
C4 YR3 C . -1.39 4.58 -8.23
C4 YR3 C . -1.53 4.42 -8.58
C5 YR3 C . -0.08 4.58 -7.76
C5 YR3 C . -0.23 4.33 -8.06
C6 YR3 C . 0.18 5.04 -6.45
C6 YR3 C . -0.01 4.70 -6.71
C7 YR3 C . 1.01 3.98 -8.67
C7 YR3 C . 0.90 3.79 -8.93
C8 YR3 C . 2.42 4.56 -8.50
C8 YR3 C . 2.29 4.34 -8.64
C9 YR3 C . 0.66 4.08 -10.19
C9 YR3 C . 0.64 4.05 -10.45
C10 YR3 C . 1.00 2.48 -8.32
C10 YR3 C . 0.88 2.25 -8.75
C11 YR3 C . 1.45 2.05 -6.92
C11 YR3 C . 1.01 1.67 -7.34
C12 YR3 C . 0.84 5.42 -10.90
C12 YR3 C . 0.75 5.47 -11.00
C13 YR3 C . 3.54 3.72 -8.65
C13 YR3 C . 3.42 3.51 -8.72
C14 YR3 C . 4.83 4.22 -8.51
C14 YR3 C . 4.69 3.99 -8.46
C15 YR3 C . 5.00 5.67 -8.22
C15 YR3 C . 4.85 5.42 -8.12
O33 YR3 C . 8.60 6.52 -6.56
O33 YR3 C . 8.49 6.61 -6.68
C22 YR3 C . 7.94 7.68 -7.16
C22 YR3 C . 7.69 7.63 -7.32
C23 YR3 C . 8.27 8.97 -6.39
C23 YR3 C . 7.91 9.02 -6.71
C26 YR3 C . 7.31 10.09 -6.81
C26 YR3 C . 7.08 10.08 -7.44
C25 YR3 C . 8.21 8.82 -4.88
C25 YR3 C . 7.50 9.07 -5.24
C24 YR3 C . 9.69 9.34 -6.79
C24 YR3 C . 9.39 9.34 -6.84
C21 YR3 C . 6.44 7.39 -7.30
C21 YR3 C . 6.22 7.20 -7.25
O20 YR3 C . 6.26 6.19 -8.07
O20 YR3 C . 6.11 5.92 -7.86
C18 YR3 C . 6.04 3.34 -8.66
C18 YR3 C . 5.89 3.07 -8.53
C16 YR3 C . 3.86 6.47 -8.07
C16 YR3 C . 3.72 6.24 -8.07
C17 YR3 C . 2.60 5.92 -8.21
C17 YR3 C . 2.47 5.71 -8.31
C19 YR3 C . -3.84 5.07 -8.04
C19 YR3 C . -3.97 5.01 -8.38
O27 YR3 C . -3.18 6.03 -5.31
O27 YR3 C . -3.33 5.75 -5.61
C28 YR3 C . -4.09 5.01 -4.89
C28 YR3 C . -4.16 4.81 -4.96
C29 YR3 C . -4.86 5.36 -3.64
C29 YR3 C . -4.71 5.45 -3.70
O32 YR3 C . -3.95 5.69 -2.58
O32 YR3 C . -3.64 5.55 -2.76
C30 YR3 C . -5.83 6.51 -3.94
C30 YR3 C . -5.26 6.84 -4.02
O31 YR3 C . -6.41 7.03 -2.73
O31 YR3 C . -6.49 6.70 -4.75
#